data_1BA8
#
_entry.id   1BA8
#
_cell.length_a   71.260
_cell.length_b   72.290
_cell.length_c   72.990
_cell.angle_alpha   90.00
_cell.angle_beta   100.90
_cell.angle_gamma   90.00
#
_symmetry.space_group_name_H-M   'C 1 2 1'
#
loop_
_entity.id
_entity.type
_entity.pdbx_description
1 polymer THROMBIN
2 polymer THROMBIN
3 polymer HIRUGEN
4 non-polymer amino({(4S)-4-[({(3S)-3-[(benzylsulfonyl)amino]-2-oxopiperidin-1-yl}acetyl)amino]-5-oxopentyl}amino)methaniminium
5 non-polymer 2-acetamido-2-deoxy-beta-D-glucopyranose
6 water water
#
loop_
_entity_poly.entity_id
_entity_poly.type
_entity_poly.pdbx_seq_one_letter_code
_entity_poly.pdbx_strand_id
1 'polypeptide(L)' TFGSGEADCGLRPLFEKKSLEDKTERELLESYIDGR A
2 'polypeptide(L)'
;IVEGSDAEIGMSPWQVMLFRKSPQELLCGASLISDRWVLTAAHCLLYPPWDKNFTENDLLVRIGKHSRTRYERNIEKISM
LEKIYIHPRYNWRENLDRDIALMKLKKPVAFSDYIHPVCLPDRETAASLLQAGYKGRVTGWGNLKETWTANVGKGQPSVL
QVVNLPIVERPVCKDSTRIRITDNMFCAGYKPDEGKRGDACEGDSGGPFVMKSPFNNRWYQMGIVSWGEGCDRDGKYGFY
THVFRLKKWIQKVIDQFGE
;
B
3 'polypeptide(L)' (ACE)DGDFEEIPEE(TYS)L C
#
loop_
_chem_comp.id
_chem_comp.type
_chem_comp.name
_chem_comp.formula
0IT peptide-like amino({(4S)-4-[({(3S)-3-[(benzylsulfonyl)amino]-2-oxopiperidin-1-yl}acetyl)amino]-5-oxopentyl}amino)methaniminium 'C20 H31 N6 O5 S 1'
ACE non-polymer 'ACETYL GROUP' 'C2 H4 O'
NAG D-saccharide, beta linking 2-acetamido-2-deoxy-beta-D-glucopyranose 'C8 H15 N O6'
#
# COMPACT_ATOMS: atom_id res chain seq x y z
N SER A 4 -15.77 -5.26 -3.83
CA SER A 4 -15.99 -4.24 -2.77
C SER A 4 -15.54 -2.84 -3.14
N GLY A 5 -14.39 -2.25 -2.92
CA GLY A 5 -14.02 -0.88 -3.29
C GLY A 5 -13.64 -0.62 -4.76
N GLU A 6 -14.72 -0.71 -5.61
CA GLU A 6 -14.75 -0.56 -7.07
C GLU A 6 -15.91 -1.30 -7.75
N ALA A 7 -15.79 -2.31 -8.58
CA ALA A 7 -16.88 -3.04 -9.26
C ALA A 7 -16.35 -4.25 -10.04
N ASP A 8 -15.30 -3.94 -10.77
CA ASP A 8 -14.41 -4.80 -11.53
C ASP A 8 -13.11 -4.87 -10.61
N CYS A 9 -13.29 -4.27 -9.42
CA CYS A 9 -12.22 -4.21 -8.44
C CYS A 9 -11.63 -5.57 -8.14
N GLY A 10 -10.32 -5.62 -7.86
CA GLY A 10 -9.50 -6.72 -7.47
C GLY A 10 -9.32 -7.92 -8.38
N LEU A 11 -9.76 -7.89 -9.63
CA LEU A 11 -9.59 -8.95 -10.65
C LEU A 11 -8.57 -8.40 -11.64
N ARG A 12 -7.37 -8.94 -11.62
CA ARG A 12 -6.31 -8.39 -12.46
C ARG A 12 -6.41 -8.78 -13.93
N PRO A 13 -6.29 -7.81 -14.81
CA PRO A 13 -6.34 -8.10 -16.25
C PRO A 13 -5.44 -9.21 -16.69
N LEU A 14 -4.23 -9.36 -16.20
CA LEU A 14 -3.29 -10.36 -16.63
C LEU A 14 -3.31 -11.62 -15.79
N PHE A 15 -4.12 -11.67 -14.75
CA PHE A 15 -4.08 -12.92 -13.91
C PHE A 15 -5.51 -13.43 -13.79
N GLU A 16 -6.34 -13.04 -12.84
CA GLU A 16 -7.71 -13.48 -12.69
C GLU A 16 -8.54 -13.47 -13.94
N LYS A 17 -8.54 -12.37 -14.69
CA LYS A 17 -9.35 -12.27 -15.90
C LYS A 17 -8.96 -13.31 -16.93
N LYS A 18 -7.78 -13.86 -16.97
CA LYS A 18 -7.38 -14.83 -17.98
C LYS A 18 -7.25 -16.17 -17.28
N SER A 19 -7.59 -16.12 -16.01
CA SER A 19 -7.45 -17.34 -15.18
C SER A 19 -6.00 -17.80 -15.02
N LEU A 20 -5.01 -16.86 -14.97
CA LEU A 20 -3.62 -17.24 -14.72
C LEU A 20 -3.32 -16.81 -13.23
N GLU A 21 -2.47 -17.56 -12.63
CA GLU A 21 -2.05 -17.35 -11.26
C GLU A 21 -0.62 -16.80 -11.26
N ASP A 22 -0.38 -15.95 -10.26
CA ASP A 22 0.99 -15.38 -10.07
C ASP A 22 1.73 -16.48 -9.29
N LYS A 23 3.03 -16.40 -9.29
CA LYS A 23 3.97 -17.29 -8.69
C LYS A 23 3.89 -17.52 -7.20
N THR A 24 3.33 -16.64 -6.42
CA THR A 24 3.29 -16.94 -4.99
C THR A 24 1.92 -16.79 -4.36
N GLU A 25 0.94 -16.52 -5.21
CA GLU A 25 -0.41 -16.35 -4.62
C GLU A 25 -0.85 -17.60 -3.91
N ARG A 26 -0.44 -18.81 -4.28
CA ARG A 26 -0.86 -20.01 -3.56
C ARG A 26 -0.41 -19.97 -2.11
N GLU A 27 0.72 -19.34 -1.85
CA GLU A 27 1.22 -19.26 -0.45
C GLU A 27 0.19 -18.56 0.43
N LEU A 28 -0.41 -17.52 -0.14
CA LEU A 28 -1.44 -16.78 0.56
C LEU A 28 -2.65 -17.68 0.86
N LEU A 29 -3.21 -18.22 -0.21
CA LEU A 29 -4.37 -19.07 -0.19
C LEU A 29 -4.17 -20.25 0.72
N GLU A 30 -2.99 -20.85 0.79
CA GLU A 30 -2.75 -21.98 1.67
C GLU A 30 -2.66 -21.59 3.13
N SER A 31 -2.60 -20.33 3.42
CA SER A 31 -2.51 -19.87 4.83
C SER A 31 -3.88 -19.62 5.43
N TYR A 32 -4.86 -19.43 4.56
CA TYR A 32 -6.26 -19.17 5.06
C TYR A 32 -6.80 -20.56 5.49
N ILE A 33 -6.13 -21.43 6.30
CA ILE A 33 -6.48 -22.85 6.71
C ILE A 33 -6.36 -23.73 5.45
N ILE B 1 11.17 -2.79 0.34
CA ILE B 1 10.95 -4.19 0.76
C ILE B 1 12.26 -4.90 1.01
N VAL B 2 12.28 -5.65 2.12
CA VAL B 2 13.42 -6.41 2.55
C VAL B 2 13.09 -7.90 2.46
N GLU B 3 13.99 -8.57 1.75
CA GLU B 3 13.92 -10.01 1.53
C GLU B 3 12.70 -10.40 0.69
N GLY B 4 12.30 -9.57 -0.24
CA GLY B 4 11.17 -9.85 -1.13
C GLY B 4 11.74 -10.30 -2.49
N SER B 5 10.92 -10.30 -3.50
CA SER B 5 11.23 -10.68 -4.90
C SER B 5 10.75 -9.63 -5.86
N ASP B 6 11.21 -9.76 -7.08
CA ASP B 6 10.73 -8.79 -8.10
C ASP B 6 9.23 -9.25 -8.38
N ALA B 7 8.41 -8.25 -8.55
CA ALA B 7 7.00 -8.47 -8.90
C ALA B 7 7.02 -8.85 -10.41
N GLU B 8 5.93 -9.52 -10.80
CA GLU B 8 5.68 -9.92 -12.20
C GLU B 8 4.92 -8.71 -12.74
N ILE B 9 5.01 -8.56 -14.04
CA ILE B 9 4.33 -7.48 -14.77
C ILE B 9 2.82 -7.68 -14.54
N GLY B 10 2.12 -6.63 -14.32
CA GLY B 10 0.66 -6.74 -14.11
C GLY B 10 0.27 -7.40 -12.79
N MET B 11 1.20 -7.73 -11.91
CA MET B 11 0.95 -8.36 -10.59
C MET B 11 0.26 -7.48 -9.59
N SER B 12 0.41 -6.20 -9.53
CA SER B 12 -0.15 -5.28 -8.56
C SER B 12 -0.53 -3.98 -9.25
N PRO B 13 -1.61 -4.12 -10.08
CA PRO B 13 -2.14 -3.07 -10.91
C PRO B 13 -2.64 -1.86 -10.21
N TRP B 14 -2.94 -1.97 -8.93
CA TRP B 14 -3.40 -0.83 -8.11
C TRP B 14 -2.17 -0.10 -7.44
N GLN B 15 -0.97 -0.53 -7.61
CA GLN B 15 0.26 0.04 -6.98
C GLN B 15 0.51 1.41 -7.60
N VAL B 16 0.66 2.40 -6.78
CA VAL B 16 0.89 3.78 -7.20
C VAL B 16 2.21 4.29 -6.60
N MET B 17 2.92 5.10 -7.35
CA MET B 17 4.16 5.73 -6.90
C MET B 17 3.85 7.21 -6.61
N LEU B 18 4.15 7.62 -5.41
CA LEU B 18 4.04 9.01 -4.97
C LEU B 18 5.42 9.64 -5.34
N PHE B 19 5.32 10.61 -6.22
CA PHE B 19 6.55 11.25 -6.76
C PHE B 19 6.60 12.74 -6.56
N ARG B 20 7.74 13.17 -5.98
CA ARG B 20 7.98 14.62 -5.73
C ARG B 20 8.48 15.27 -7.03
N LYS B 21 7.91 16.41 -7.36
CA LYS B 21 8.25 17.18 -8.55
C LYS B 21 9.66 17.75 -8.57
N SER B 22 10.15 18.26 -7.44
CA SER B 22 11.50 18.86 -7.37
C SER B 22 12.00 18.94 -5.92
N PRO B 23 13.06 18.24 -5.50
CA PRO B 23 13.87 17.32 -6.28
C PRO B 23 12.93 16.23 -6.82
N GLN B 24 13.20 15.65 -7.98
CA GLN B 24 12.25 14.60 -8.48
C GLN B 24 12.57 13.37 -7.65
N GLU B 25 11.73 12.95 -6.69
CA GLU B 25 12.15 11.75 -5.91
C GLU B 25 10.95 10.89 -5.50
N LEU B 26 11.18 9.62 -5.21
CA LEU B 26 10.11 8.73 -4.74
C LEU B 26 9.82 9.11 -3.27
N LEU B 27 8.59 9.46 -3.01
CA LEU B 27 8.08 9.85 -1.70
C LEU B 27 7.54 8.65 -0.95
N CYS B 28 6.64 7.93 -1.64
CA CYS B 28 5.97 6.78 -0.93
C CYS B 28 5.23 5.94 -2.00
N GLY B 29 4.58 4.88 -1.48
CA GLY B 29 3.75 3.98 -2.32
C GLY B 29 2.30 4.51 -2.07
N ALA B 30 1.35 3.90 -2.74
CA ALA B 30 -0.06 4.28 -2.61
C ALA B 30 -0.86 3.23 -3.39
N SER B 31 -2.18 3.41 -3.44
CA SER B 31 -2.98 2.43 -4.19
C SER B 31 -4.17 3.08 -4.85
N LEU B 32 -4.56 2.53 -6.03
CA LEU B 32 -5.72 3.03 -6.80
C LEU B 32 -6.98 2.28 -6.34
N ILE B 33 -7.97 3.00 -5.90
CA ILE B 33 -9.24 2.52 -5.36
C ILE B 33 -10.40 2.71 -6.31
N SER B 34 -10.34 3.64 -7.21
CA SER B 34 -11.29 3.92 -8.28
C SER B 34 -10.52 4.61 -9.41
N ASP B 35 -11.25 5.19 -10.38
CA ASP B 35 -10.56 5.87 -11.48
C ASP B 35 -10.10 7.27 -11.11
N ARG B 36 -10.58 7.77 -9.96
CA ARG B 36 -10.19 9.11 -9.52
C ARG B 36 -9.58 9.19 -8.11
N TRP B 37 -9.54 8.14 -7.35
CA TRP B 37 -9.08 8.18 -5.96
C TRP B 37 -7.93 7.26 -5.65
N VAL B 38 -6.97 7.80 -4.90
CA VAL B 38 -5.79 7.09 -4.43
C VAL B 38 -5.73 7.09 -2.89
N LEU B 39 -5.39 5.96 -2.31
CA LEU B 39 -5.26 5.79 -0.85
C LEU B 39 -3.78 5.66 -0.49
N THR B 40 -3.34 6.36 0.58
CA THR B 40 -1.92 6.29 1.04
C THR B 40 -1.87 6.58 2.55
N ALA B 41 -0.67 6.65 3.09
CA ALA B 41 -0.45 6.99 4.52
C ALA B 41 -0.35 8.49 4.67
N ALA B 42 -1.04 9.04 5.68
CA ALA B 42 -1.05 10.45 6.05
C ALA B 42 0.38 10.95 6.28
N HIS B 43 1.22 10.18 6.89
CA HIS B 43 2.59 10.65 7.19
C HIS B 43 3.47 10.84 5.97
N CYS B 44 3.01 10.47 4.76
CA CYS B 44 3.72 10.64 3.51
C CYS B 44 3.56 12.09 3.11
N LEU B 45 2.49 12.68 3.58
CA LEU B 45 2.23 14.08 3.24
C LEU B 45 2.49 15.07 4.39
N LEU B 46 2.15 14.74 5.62
CA LEU B 46 2.25 15.60 6.83
C LEU B 46 2.96 14.88 7.96
N TYR B 47 4.13 15.38 8.34
CA TYR B 47 4.91 14.81 9.43
C TYR B 47 5.70 16.00 10.03
N PRO B 48 5.09 16.88 10.78
CA PRO B 48 5.74 18.11 11.30
C PRO B 48 7.05 17.96 11.99
N PRO B 49 7.23 16.90 12.75
CA PRO B 49 8.49 16.69 13.43
C PRO B 49 9.63 16.74 12.46
N TRP B 50 9.44 16.41 11.18
CA TRP B 50 10.45 16.38 10.14
C TRP B 50 10.14 17.52 9.14
N ASP B 51 9.39 18.48 9.59
CA ASP B 51 9.08 19.60 8.68
C ASP B 51 8.49 19.09 7.35
N LYS B 52 7.72 18.04 7.40
CA LYS B 52 7.08 17.52 6.16
C LYS B 52 5.63 17.95 6.09
N ASN B 53 5.31 18.58 4.96
CA ASN B 53 3.93 19.00 4.72
C ASN B 53 3.70 19.34 3.26
N PHE B 54 3.51 18.30 2.45
CA PHE B 54 3.28 18.43 1.01
C PHE B 54 1.85 18.85 0.71
N THR B 55 1.75 19.55 -0.40
CA THR B 55 0.45 20.04 -0.92
C THR B 55 0.27 19.48 -2.33
N GLU B 56 -0.90 19.60 -2.87
CA GLU B 56 -1.27 19.05 -4.19
C GLU B 56 -0.31 19.41 -5.30
N ASN B 57 0.35 20.53 -5.22
CA ASN B 57 1.23 20.97 -6.32
C ASN B 57 2.67 20.55 -6.18
N ASP B 58 2.97 19.85 -5.12
CA ASP B 58 4.30 19.35 -4.79
C ASP B 58 4.53 17.98 -5.41
N LEU B 59 3.38 17.37 -5.69
CA LEU B 59 3.48 16.00 -6.22
C LEU B 59 2.71 15.57 -7.44
N LEU B 60 3.17 14.40 -7.84
CA LEU B 60 2.58 13.68 -8.97
C LEU B 60 2.35 12.23 -8.50
N VAL B 61 1.30 11.68 -9.09
CA VAL B 61 1.05 10.21 -8.84
C VAL B 61 1.43 9.47 -10.14
N ARG B 62 2.15 8.38 -10.07
CA ARG B 62 2.53 7.57 -11.19
C ARG B 62 1.90 6.19 -11.12
N ILE B 63 1.05 5.90 -12.09
CA ILE B 63 0.31 4.64 -12.16
C ILE B 63 0.67 3.72 -13.32
N GLY B 64 0.72 2.45 -13.05
CA GLY B 64 1.05 1.33 -13.88
C GLY B 64 2.51 1.05 -14.10
N LYS B 65 3.31 1.48 -13.14
CA LYS B 65 4.76 1.30 -13.18
C LYS B 65 5.25 -0.06 -12.72
N HIS B 66 6.47 -0.37 -13.17
CA HIS B 66 7.16 -1.60 -12.80
C HIS B 66 8.58 -1.18 -12.45
N SER B 67 9.15 -0.43 -13.37
CA SER B 67 10.51 0.11 -13.18
C SER B 67 10.37 1.32 -12.24
N ARG B 68 11.33 1.32 -11.32
CA ARG B 68 11.49 2.34 -10.25
C ARG B 68 11.80 3.71 -10.83
N THR B 69 12.91 3.80 -11.58
CA THR B 69 13.37 5.05 -12.18
C THR B 69 13.02 5.40 -13.59
N ARG B 70 12.76 4.45 -14.46
CA ARG B 70 12.46 4.75 -15.88
C ARG B 70 11.14 5.40 -16.12
N TYR B 71 11.00 6.22 -17.17
CA TYR B 71 9.69 6.84 -17.51
C TYR B 71 9.11 5.75 -18.44
N GLU B 72 8.12 5.00 -18.01
CA GLU B 72 7.55 3.85 -18.77
C GLU B 72 6.54 4.31 -19.80
N ARG B 73 7.19 4.80 -20.86
CA ARG B 73 6.82 5.45 -22.07
C ARG B 73 5.38 5.23 -22.46
N ASN B 74 4.95 4.01 -22.78
CA ASN B 74 3.46 4.05 -23.08
C ASN B 74 2.70 3.13 -22.10
N ILE B 75 3.26 2.87 -20.93
CA ILE B 75 2.67 1.95 -19.93
C ILE B 75 2.10 2.76 -18.76
N GLU B 76 2.97 3.58 -18.14
CA GLU B 76 2.51 4.40 -17.00
C GLU B 76 1.78 5.64 -17.39
N LYS B 77 0.94 6.10 -16.50
CA LYS B 77 0.13 7.31 -16.57
C LYS B 77 0.53 8.20 -15.37
N ILE B 78 0.67 9.49 -15.58
CA ILE B 78 1.08 10.44 -14.53
C ILE B 78 -0.09 11.33 -14.26
N SER B 79 -0.55 11.52 -13.05
CA SER B 79 -1.67 12.44 -12.77
C SER B 79 -1.19 13.44 -11.69
N MET B 80 -1.87 14.54 -11.84
CA MET B 80 -1.78 15.75 -11.01
C MET B 80 -2.89 15.54 -9.96
N LEU B 81 -2.70 16.13 -8.80
CA LEU B 81 -3.73 15.98 -7.75
C LEU B 81 -4.66 17.19 -7.66
N GLU B 82 -5.92 16.88 -7.48
CA GLU B 82 -6.93 17.88 -7.30
C GLU B 82 -7.02 18.26 -5.81
N LYS B 83 -7.00 17.25 -4.95
CA LYS B 83 -7.12 17.51 -3.52
C LYS B 83 -6.57 16.40 -2.68
N ILE B 84 -6.11 16.79 -1.51
CA ILE B 84 -5.56 15.84 -0.51
C ILE B 84 -6.48 15.87 0.72
N TYR B 85 -6.80 14.74 1.31
CA TYR B 85 -7.66 14.72 2.50
C TYR B 85 -6.96 13.92 3.58
N ILE B 86 -6.61 14.57 4.67
CA ILE B 86 -5.92 13.75 5.75
C ILE B 86 -6.92 13.39 6.81
N HIS B 87 -6.94 12.23 7.41
CA HIS B 87 -7.90 11.92 8.47
C HIS B 87 -7.78 13.01 9.55
N PRO B 88 -8.93 13.56 9.95
CA PRO B 88 -8.98 14.60 10.96
C PRO B 88 -8.28 14.22 12.24
N ARG B 89 -8.32 12.97 12.62
CA ARG B 89 -7.70 12.54 13.87
C ARG B 89 -6.42 11.78 13.73
N TYR B 90 -5.72 12.11 12.64
CA TYR B 90 -4.38 11.53 12.40
C TYR B 90 -3.47 12.00 13.58
N ASN B 91 -2.89 11.10 14.33
CA ASN B 91 -1.99 11.44 15.47
C ASN B 91 -0.53 11.42 15.13
N TRP B 92 -0.03 12.51 14.50
CA TRP B 92 1.40 12.54 14.20
C TRP B 92 2.19 12.88 15.46
N ARG B 93 1.51 13.48 16.43
CA ARG B 93 2.25 13.83 17.66
C ARG B 93 2.64 12.57 18.38
N GLU B 94 2.00 11.43 18.28
CA GLU B 94 2.55 10.32 19.12
C GLU B 94 2.77 8.99 18.49
N ASN B 95 1.77 8.34 17.90
CA ASN B 95 1.97 6.99 17.39
C ASN B 95 1.56 6.71 15.94
N LEU B 96 1.23 7.75 15.23
CA LEU B 96 0.81 7.58 13.79
C LEU B 96 -0.55 6.89 13.75
N ASP B 97 -1.32 7.08 14.80
CA ASP B 97 -2.67 6.51 14.85
C ASP B 97 -3.48 7.16 13.72
N ARG B 98 -4.25 6.31 13.04
CA ARG B 98 -5.06 6.69 11.90
C ARG B 98 -4.16 7.27 10.77
N ASP B 99 -3.14 6.55 10.42
CA ASP B 99 -2.19 6.99 9.33
C ASP B 99 -2.82 6.67 7.94
N ILE B 100 -3.67 7.61 7.48
CA ILE B 100 -4.42 7.42 6.23
C ILE B 100 -4.75 8.72 5.54
N ALA B 101 -4.81 8.75 4.21
CA ALA B 101 -5.14 9.96 3.48
C ALA B 101 -5.69 9.51 2.10
N LEU B 102 -6.57 10.33 1.59
CA LEU B 102 -7.14 10.19 0.27
C LEU B 102 -6.63 11.33 -0.61
N MET B 103 -6.39 10.94 -1.86
CA MET B 103 -5.95 11.95 -2.84
C MET B 103 -6.91 11.78 -4.04
N LYS B 104 -7.45 12.89 -4.47
CA LYS B 104 -8.36 12.87 -5.63
C LYS B 104 -7.63 13.44 -6.86
N LEU B 105 -7.69 12.64 -7.92
CA LEU B 105 -6.97 13.00 -9.17
C LEU B 105 -7.64 14.12 -9.94
N LYS B 106 -6.86 14.92 -10.66
CA LYS B 106 -7.55 15.99 -11.44
C LYS B 106 -8.45 15.39 -12.50
N LYS B 107 -8.05 14.27 -13.07
CA LYS B 107 -8.82 13.51 -14.09
C LYS B 107 -8.69 12.01 -13.89
N PRO B 108 -9.81 11.35 -14.16
CA PRO B 108 -9.87 9.90 -14.05
C PRO B 108 -8.82 9.27 -14.93
N VAL B 109 -8.25 8.19 -14.43
CA VAL B 109 -7.23 7.38 -15.10
C VAL B 109 -7.98 6.25 -15.84
N ALA B 110 -7.39 5.89 -16.98
CA ALA B 110 -8.06 4.81 -17.74
C ALA B 110 -7.32 3.52 -17.36
N PHE B 111 -8.08 2.48 -17.19
CA PHE B 111 -7.65 1.13 -16.80
C PHE B 111 -6.96 0.48 -17.98
N SER B 112 -6.16 -0.53 -17.70
CA SER B 112 -5.42 -1.18 -18.80
C SER B 112 -4.95 -2.48 -18.19
N ASP B 113 -4.13 -3.21 -18.88
CA ASP B 113 -3.61 -4.46 -18.32
C ASP B 113 -2.74 -4.08 -17.09
N TYR B 114 -2.27 -2.83 -17.03
CA TYR B 114 -1.33 -2.50 -15.91
C TYR B 114 -1.84 -1.60 -14.83
N ILE B 115 -3.02 -1.09 -15.00
CA ILE B 115 -3.74 -0.16 -14.15
C ILE B 115 -5.15 -0.64 -13.87
N HIS B 116 -5.48 -0.98 -12.66
CA HIS B 116 -6.76 -1.53 -12.18
C HIS B 116 -6.90 -1.33 -10.66
N PRO B 117 -8.05 -0.89 -10.19
CA PRO B 117 -8.31 -0.66 -8.77
C PRO B 117 -8.35 -1.94 -7.94
N VAL B 118 -7.98 -1.82 -6.67
CA VAL B 118 -8.07 -2.93 -5.71
C VAL B 118 -9.44 -2.75 -5.03
N CYS B 119 -10.03 -3.73 -4.39
CA CYS B 119 -11.31 -3.58 -3.67
C CYS B 119 -11.06 -3.08 -2.22
N LEU B 120 -12.01 -2.47 -1.60
CA LEU B 120 -11.96 -2.05 -0.16
C LEU B 120 -12.75 -3.18 0.54
N PRO B 121 -12.31 -3.60 1.73
CA PRO B 121 -12.96 -4.69 2.41
C PRO B 121 -14.36 -4.29 2.99
N ASP B 122 -15.20 -5.33 3.09
CA ASP B 122 -16.53 -5.15 3.70
C ASP B 122 -16.36 -5.75 5.11
N ARG B 123 -17.30 -5.49 6.04
CA ARG B 123 -17.12 -6.04 7.38
C ARG B 123 -16.90 -7.54 7.39
N GLU B 124 -17.53 -8.23 6.47
CA GLU B 124 -17.39 -9.69 6.45
C GLU B 124 -16.11 -10.14 5.85
N THR B 125 -15.54 -9.39 4.89
CA THR B 125 -14.24 -9.83 4.30
C THR B 125 -13.18 -9.63 5.37
N ALA B 126 -13.24 -8.53 6.06
CA ALA B 126 -12.38 -8.18 7.18
C ALA B 126 -12.40 -9.25 8.26
N ALA B 127 -13.60 -9.66 8.64
CA ALA B 127 -13.81 -10.63 9.71
C ALA B 127 -13.25 -11.96 9.37
N SER B 128 -13.38 -12.49 8.17
CA SER B 128 -12.77 -13.78 7.87
C SER B 128 -11.31 -13.69 7.46
N LEU B 129 -10.80 -12.54 7.03
CA LEU B 129 -9.38 -12.66 6.62
C LEU B 129 -8.34 -12.11 7.58
N LEU B 130 -8.74 -11.14 8.36
CA LEU B 130 -7.79 -10.50 9.30
C LEU B 130 -7.65 -11.39 10.54
N GLN B 131 -6.93 -12.43 10.44
CA GLN B 131 -6.58 -13.45 11.35
C GLN B 131 -5.10 -13.75 11.40
N ALA B 132 -4.64 -13.87 12.68
CA ALA B 132 -3.20 -14.15 12.90
C ALA B 132 -2.91 -15.43 12.15
N GLY B 133 -1.81 -15.45 11.47
CA GLY B 133 -1.30 -16.53 10.68
C GLY B 133 -1.60 -16.46 9.18
N TYR B 134 -2.66 -15.77 8.82
CA TYR B 134 -3.14 -15.57 7.42
C TYR B 134 -2.14 -14.61 6.82
N LYS B 135 -1.74 -14.81 5.60
CA LYS B 135 -0.76 -13.96 4.95
C LYS B 135 -1.32 -12.90 4.02
N GLY B 136 -0.70 -11.77 3.95
CA GLY B 136 -1.09 -10.68 3.05
C GLY B 136 0.21 -10.47 2.22
N ARG B 137 0.13 -9.53 1.33
CA ARG B 137 1.19 -9.22 0.39
C ARG B 137 1.38 -7.73 0.43
N VAL B 138 2.68 -7.36 0.49
CA VAL B 138 3.09 -5.98 0.54
C VAL B 138 4.00 -5.74 -0.69
N THR B 139 3.84 -4.58 -1.24
CA THR B 139 4.60 -4.15 -2.40
C THR B 139 5.11 -2.72 -2.29
N GLY B 140 6.31 -2.51 -2.95
CA GLY B 140 6.86 -1.16 -2.95
C GLY B 140 8.28 -1.10 -3.60
N TRP B 141 8.71 0.13 -3.81
CA TRP B 141 10.04 0.40 -4.40
C TRP B 141 11.04 0.85 -3.35
N GLY B 142 10.66 0.74 -2.09
CA GLY B 142 11.48 1.13 -0.96
C GLY B 142 12.77 0.39 -0.81
N ASN B 143 13.49 0.77 0.24
CA ASN B 143 14.78 0.20 0.54
C ASN B 143 14.75 -1.32 0.68
N LEU B 144 15.85 -1.88 0.21
CA LEU B 144 16.08 -3.34 0.29
C LEU B 144 16.71 -3.77 1.62
N LYS B 145 17.31 -2.77 2.28
CA LYS B 145 18.02 -3.03 3.55
C LYS B 145 17.78 -1.89 4.49
N GLU B 146 17.82 -2.16 5.78
CA GLU B 146 17.58 -1.04 6.76
C GLU B 146 18.55 0.11 6.52
N THR B 147 19.80 -0.29 6.36
CA THR B 147 20.93 0.60 6.14
C THR B 147 22.08 -0.29 5.66
N GLY B 155 20.73 -1.57 -2.43
CA GLY B 155 20.08 -0.52 -1.64
C GLY B 155 18.65 -0.23 -2.08
N GLN B 156 18.46 0.07 -3.34
CA GLN B 156 17.17 0.38 -3.96
C GLN B 156 17.02 -0.64 -5.09
N PRO B 157 15.75 -1.04 -5.28
CA PRO B 157 15.48 -2.09 -6.28
C PRO B 157 15.35 -1.42 -7.63
N SER B 158 15.48 -2.12 -8.70
CA SER B 158 15.27 -1.43 -10.00
C SER B 158 13.82 -1.64 -10.47
N VAL B 159 13.20 -2.65 -9.91
CA VAL B 159 11.81 -3.03 -10.20
C VAL B 159 11.02 -3.19 -8.90
N LEU B 160 9.68 -3.18 -9.06
CA LEU B 160 8.72 -3.33 -7.99
C LEU B 160 9.06 -4.62 -7.28
N GLN B 161 9.05 -4.61 -5.95
CA GLN B 161 9.33 -5.76 -5.05
C GLN B 161 8.02 -6.18 -4.35
N VAL B 162 7.94 -7.43 -3.97
CA VAL B 162 6.79 -8.01 -3.33
C VAL B 162 7.31 -8.95 -2.20
N VAL B 163 6.54 -8.98 -1.13
CA VAL B 163 6.77 -9.94 -0.03
C VAL B 163 5.40 -10.37 0.50
N ASN B 164 5.21 -11.57 0.95
CA ASN B 164 4.01 -12.15 1.56
C ASN B 164 4.34 -12.33 3.05
N LEU B 165 3.64 -11.81 3.94
CA LEU B 165 3.85 -11.83 5.41
C LEU B 165 2.60 -12.22 6.21
N PRO B 166 2.75 -12.95 7.31
CA PRO B 166 1.63 -13.43 8.09
C PRO B 166 1.21 -12.31 9.06
N ILE B 167 -0.03 -12.19 9.33
CA ILE B 167 -0.62 -11.25 10.30
C ILE B 167 -0.19 -11.85 11.67
N VAL B 168 0.21 -11.02 12.62
CA VAL B 168 0.65 -11.47 13.95
C VAL B 168 -0.39 -11.11 15.02
N GLU B 169 -0.57 -11.96 16.05
CA GLU B 169 -1.52 -11.75 17.14
C GLU B 169 -1.21 -10.41 17.81
N ARG B 170 -2.17 -9.65 18.17
CA ARG B 170 -2.12 -8.32 18.78
C ARG B 170 -1.21 -8.20 20.03
N PRO B 171 -1.27 -9.14 20.96
CA PRO B 171 -0.42 -9.16 22.14
C PRO B 171 1.07 -9.20 21.78
N VAL B 172 1.42 -10.01 20.80
CA VAL B 172 2.78 -10.15 20.29
C VAL B 172 3.19 -8.83 19.69
N CYS B 173 2.26 -8.17 19.00
CA CYS B 173 2.52 -6.87 18.39
C CYS B 173 2.84 -5.90 19.53
N LYS B 174 1.95 -5.89 20.52
CA LYS B 174 2.05 -5.01 21.67
C LYS B 174 3.40 -5.11 22.42
N ASP B 175 3.78 -6.33 22.71
CA ASP B 175 5.00 -6.67 23.45
C ASP B 175 6.30 -6.45 22.72
N SER B 176 6.32 -6.12 21.44
CA SER B 176 7.53 -5.95 20.66
C SER B 176 7.95 -4.49 20.60
N THR B 177 7.17 -3.63 21.17
CA THR B 177 7.50 -2.19 21.07
C THR B 177 7.08 -1.42 22.31
N ARG B 178 7.64 -0.21 22.39
CA ARG B 178 7.35 0.74 23.44
C ARG B 178 6.27 1.69 22.91
N ILE B 179 6.08 1.71 21.59
CA ILE B 179 5.03 2.61 21.06
C ILE B 179 3.64 2.10 21.48
N ARG B 180 2.74 2.97 21.86
CA ARG B 180 1.37 2.56 22.21
C ARG B 180 0.60 2.28 20.89
N ILE B 181 0.18 1.08 20.69
CA ILE B 181 -0.57 0.40 19.59
C ILE B 181 -2.07 0.63 19.81
N THR B 182 -2.88 0.93 18.78
CA THR B 182 -4.29 1.19 18.90
C THR B 182 -5.07 0.23 18.00
N ASP B 183 -6.38 0.21 18.08
CA ASP B 183 -7.26 -0.59 17.29
C ASP B 183 -7.18 -0.25 15.78
N ASN B 184 -6.66 0.90 15.39
CA ASN B 184 -6.50 1.30 14.01
C ASN B 184 -5.20 0.75 13.41
N MET B 185 -4.54 -0.24 14.00
CA MET B 185 -3.30 -0.80 13.52
C MET B 185 -3.29 -2.32 13.72
N PHE B 186 -2.50 -2.93 12.86
CA PHE B 186 -2.21 -4.35 12.92
C PHE B 186 -0.72 -4.47 12.59
N CYS B 187 -0.10 -5.55 13.05
CA CYS B 187 1.32 -5.75 12.73
C CYS B 187 1.40 -7.05 11.95
N ALA B 188 2.45 -7.25 11.24
CA ALA B 188 2.74 -8.36 10.38
C ALA B 188 4.25 -8.55 10.19
N GLY B 189 4.58 -9.79 10.07
CA GLY B 189 5.89 -10.35 9.86
C GLY B 189 6.01 -11.74 10.47
N TYR B 190 7.22 -12.26 10.19
CA TYR B 190 7.60 -13.56 10.73
C TYR B 190 8.23 -13.23 12.13
N LYS B 191 8.10 -14.21 12.96
CA LYS B 191 8.58 -14.32 14.34
C LYS B 191 10.04 -14.82 14.18
N PRO B 192 10.89 -14.40 15.10
CA PRO B 192 12.30 -14.83 15.05
C PRO B 192 12.55 -16.31 14.80
N ASP B 193 11.66 -17.14 15.28
CA ASP B 193 11.63 -18.58 15.21
C ASP B 193 11.08 -19.20 13.92
N GLU B 194 10.16 -18.54 13.23
CA GLU B 194 9.56 -19.06 12.00
C GLU B 194 10.62 -19.33 10.95
N GLY B 195 11.76 -18.64 11.13
CA GLY B 195 12.88 -18.81 10.21
C GLY B 195 12.57 -18.65 8.74
N LYS B 196 11.83 -17.62 8.44
CA LYS B 196 11.39 -17.05 7.17
C LYS B 196 11.45 -15.54 7.55
N ARG B 197 11.77 -14.65 6.66
CA ARG B 197 11.78 -13.22 7.11
C ARG B 197 11.28 -12.28 6.03
N GLY B 198 11.40 -10.99 6.11
CA GLY B 198 10.95 -10.00 5.10
C GLY B 198 10.15 -8.92 5.78
N ASP B 199 10.08 -7.72 5.22
CA ASP B 199 9.44 -6.56 5.76
C ASP B 199 9.41 -5.46 4.69
N ALA B 200 8.69 -4.41 5.00
CA ALA B 200 8.54 -3.15 4.26
C ALA B 200 9.75 -2.35 4.88
N CYS B 201 10.07 -1.23 4.29
CA CYS B 201 11.21 -0.47 4.87
C CYS B 201 10.97 0.94 4.38
N GLU B 202 11.88 1.86 4.63
CA GLU B 202 11.72 3.26 4.16
C GLU B 202 11.42 3.30 2.66
N GLY B 203 10.47 4.08 2.21
CA GLY B 203 10.16 4.13 0.76
C GLY B 203 8.89 3.35 0.38
N ASP B 204 8.50 2.41 1.17
CA ASP B 204 7.30 1.54 1.03
C ASP B 204 6.10 2.15 1.67
N SER B 205 6.27 3.15 2.59
CA SER B 205 5.11 3.71 3.25
C SER B 205 4.04 4.08 2.23
N GLY B 206 2.81 3.94 2.70
CA GLY B 206 1.58 4.27 1.95
C GLY B 206 1.20 3.21 0.93
N GLY B 207 2.00 2.22 0.70
CA GLY B 207 1.70 1.14 -0.24
C GLY B 207 0.69 0.25 0.46
N PRO B 208 0.11 -0.67 -0.32
CA PRO B 208 -0.92 -1.57 0.16
C PRO B 208 -0.52 -2.92 0.77
N PHE B 209 -1.23 -3.39 1.77
CA PHE B 209 -1.07 -4.74 2.36
C PHE B 209 -2.36 -5.42 1.75
N VAL B 210 -2.24 -6.40 0.88
CA VAL B 210 -3.50 -6.97 0.28
C VAL B 210 -3.64 -8.42 0.60
N MET B 211 -4.90 -8.87 0.48
CA MET B 211 -5.17 -10.31 0.66
C MET B 211 -6.13 -10.70 -0.51
N LYS B 212 -6.05 -11.92 -0.90
CA LYS B 212 -6.90 -12.51 -1.98
C LYS B 212 -8.00 -13.34 -1.31
N SER B 213 -9.21 -12.88 -1.50
CA SER B 213 -10.38 -13.58 -0.95
C SER B 213 -10.55 -14.96 -1.57
N PRO B 214 -10.64 -15.98 -0.73
CA PRO B 214 -10.84 -17.33 -1.20
C PRO B 214 -12.32 -17.51 -1.62
N PHE B 215 -13.18 -16.57 -1.28
CA PHE B 215 -14.61 -16.55 -1.55
C PHE B 215 -14.99 -16.11 -2.95
N ASN B 216 -14.50 -14.95 -3.34
CA ASN B 216 -14.84 -14.42 -4.67
C ASN B 216 -13.61 -14.17 -5.54
N ASN B 217 -12.46 -14.59 -5.03
CA ASN B 217 -11.13 -14.54 -5.65
C ASN B 217 -10.71 -13.16 -6.09
N ARG B 218 -11.20 -12.18 -5.32
CA ARG B 218 -10.85 -10.81 -5.61
C ARG B 218 -9.72 -10.39 -4.59
N TRP B 219 -8.99 -9.39 -4.99
CA TRP B 219 -7.90 -8.83 -4.08
C TRP B 219 -8.50 -7.68 -3.31
N TYR B 220 -8.27 -7.70 -2.01
CA TYR B 220 -8.73 -6.74 -1.04
C TYR B 220 -7.58 -6.04 -0.29
N GLN B 221 -7.65 -4.73 -0.20
CA GLN B 221 -6.60 -3.96 0.53
C GLN B 221 -7.02 -3.86 2.03
N MET B 222 -6.33 -4.56 2.91
CA MET B 222 -6.56 -4.62 4.33
C MET B 222 -5.70 -3.64 5.13
N GLY B 223 -4.54 -3.26 4.58
CA GLY B 223 -3.68 -2.35 5.37
C GLY B 223 -2.91 -1.37 4.51
N ILE B 224 -2.35 -0.36 5.14
CA ILE B 224 -1.48 0.66 4.49
C ILE B 224 -0.13 0.57 5.20
N VAL B 225 0.97 0.46 4.49
CA VAL B 225 2.29 0.46 5.13
C VAL B 225 2.38 1.73 5.97
N SER B 226 2.59 1.56 7.27
CA SER B 226 2.67 2.74 8.11
C SER B 226 4.00 3.05 8.75
N TRP B 227 4.43 2.22 9.67
CA TRP B 227 5.59 2.35 10.53
C TRP B 227 6.21 1.09 11.02
N GLY B 228 7.47 1.28 11.57
CA GLY B 228 8.21 0.15 12.13
C GLY B 228 9.47 0.81 12.78
N GLU B 229 10.28 -0.02 13.30
CA GLU B 229 11.59 0.36 13.95
C GLU B 229 12.63 -0.49 13.30
N GLY B 230 13.32 0.19 12.43
CA GLY B 230 14.38 -0.46 11.60
C GLY B 230 13.57 -1.25 10.56
N CYS B 231 14.17 -2.24 9.96
CA CYS B 231 13.43 -3.02 8.93
C CYS B 231 13.85 -4.47 9.00
N ASP B 232 13.02 -5.42 9.16
CA ASP B 232 13.34 -6.85 9.17
C ASP B 232 14.25 -7.18 10.38
N ARG B 233 14.02 -6.46 11.46
CA ARG B 233 14.75 -6.69 12.71
C ARG B 233 14.11 -7.91 13.38
N ASP B 234 14.96 -8.77 13.92
CA ASP B 234 14.40 -9.95 14.62
C ASP B 234 13.60 -9.43 15.83
N GLY B 235 12.45 -10.02 16.02
CA GLY B 235 11.50 -9.75 17.09
C GLY B 235 10.83 -8.41 16.96
N LYS B 236 10.94 -7.83 15.76
CA LYS B 236 10.28 -6.53 15.46
C LYS B 236 9.29 -6.84 14.26
N TYR B 237 8.23 -6.06 14.20
CA TYR B 237 7.19 -6.23 13.19
C TYR B 237 6.77 -4.91 12.58
N GLY B 238 6.34 -5.03 11.32
CA GLY B 238 5.87 -3.89 10.54
C GLY B 238 4.41 -3.69 10.99
N PHE B 239 4.03 -2.44 11.03
CA PHE B 239 2.74 -1.96 11.43
C PHE B 239 2.08 -1.25 10.26
N TYR B 240 0.77 -1.52 10.21
CA TYR B 240 -0.04 -1.02 9.10
C TYR B 240 -1.34 -0.40 9.48
N THR B 241 -1.84 0.66 8.85
CA THR B 241 -3.15 1.24 9.13
C THR B 241 -4.22 0.19 8.78
N HIS B 242 -5.17 0.05 9.64
CA HIS B 242 -6.33 -0.89 9.56
C HIS B 242 -7.41 -0.23 8.70
N VAL B 243 -7.40 -0.55 7.41
CA VAL B 243 -8.27 0.02 6.39
C VAL B 243 -9.75 -0.20 6.77
N PHE B 244 -10.16 -1.39 7.07
CA PHE B 244 -11.60 -1.58 7.40
C PHE B 244 -12.10 -0.70 8.50
N ARG B 245 -11.31 -0.47 9.58
CA ARG B 245 -11.73 0.33 10.71
C ARG B 245 -11.84 1.79 10.31
N LEU B 246 -11.22 2.20 9.24
CA LEU B 246 -11.33 3.61 8.82
C LEU B 246 -12.20 3.75 7.58
N LYS B 247 -12.85 2.72 7.11
CA LYS B 247 -13.68 2.66 5.92
C LYS B 247 -14.77 3.71 5.87
N LYS B 248 -15.41 3.93 7.00
CA LYS B 248 -16.51 4.90 7.09
C LYS B 248 -16.01 6.30 6.79
N TRP B 249 -14.78 6.63 7.22
CA TRP B 249 -14.23 7.95 6.95
C TRP B 249 -13.94 8.00 5.43
N ILE B 250 -13.55 6.86 4.87
CA ILE B 250 -13.25 6.75 3.42
C ILE B 250 -14.50 7.04 2.58
N GLN B 251 -15.55 6.35 2.91
CA GLN B 251 -16.87 6.50 2.24
C GLN B 251 -17.36 7.93 2.37
N LYS B 252 -17.24 8.49 3.55
CA LYS B 252 -17.64 9.84 3.84
C LYS B 252 -17.01 10.85 2.90
N VAL B 253 -15.68 10.84 2.77
CA VAL B 253 -15.03 11.81 1.88
C VAL B 253 -15.34 11.62 0.41
N ILE B 254 -15.44 10.42 -0.04
CA ILE B 254 -15.72 10.18 -1.47
C ILE B 254 -17.10 10.67 -1.88
N ASP B 255 -18.01 10.23 -1.03
CA ASP B 255 -19.47 10.54 -1.14
C ASP B 255 -19.59 12.05 -1.04
N GLN B 256 -19.20 12.64 0.05
CA GLN B 256 -19.18 14.07 0.31
C GLN B 256 -18.28 14.87 -0.64
N PHE B 257 -17.32 14.26 -1.32
CA PHE B 257 -16.48 15.16 -2.13
C PHE B 257 -16.22 14.75 -3.55
N GLY B 258 -16.58 13.56 -4.04
CA GLY B 258 -16.12 13.45 -5.45
C GLY B 258 -16.78 12.39 -6.25
N GLU B 259 -15.94 11.67 -7.00
CA GLU B 259 -16.47 10.60 -7.86
C GLU B 259 -17.72 11.07 -8.61
N PHE C 5 17.07 8.51 -11.64
CA PHE C 5 15.66 8.81 -11.96
C PHE C 5 15.55 9.40 -13.38
N GLU C 6 15.02 8.64 -14.33
CA GLU C 6 14.86 9.19 -15.70
C GLU C 6 13.76 10.24 -15.65
N GLU C 7 13.95 11.29 -16.43
CA GLU C 7 13.10 12.45 -16.50
C GLU C 7 11.69 12.21 -16.98
N ILE C 8 10.73 12.92 -16.45
CA ILE C 8 9.34 12.70 -16.92
C ILE C 8 9.02 13.77 -17.94
N PRO C 9 8.20 13.48 -18.96
CA PRO C 9 7.82 14.47 -19.98
C PRO C 9 7.29 15.72 -19.28
N GLU C 10 7.70 16.87 -19.78
CA GLU C 10 7.41 18.22 -19.33
C GLU C 10 5.97 18.63 -19.21
N GLU C 11 5.10 17.92 -19.92
CA GLU C 11 3.65 18.20 -19.91
C GLU C 11 3.11 17.95 -18.51
N TYS C 12 3.74 17.02 -17.82
CA TYS C 12 3.41 16.62 -16.46
CB TYS C 12 4.03 15.24 -16.13
CG TYS C 12 3.43 14.21 -17.08
CD1 TYS C 12 2.04 14.14 -17.17
CD2 TYS C 12 4.21 13.46 -17.88
CE1 TYS C 12 1.44 13.26 -18.07
CE2 TYS C 12 3.64 12.57 -18.81
CZ TYS C 12 2.27 12.50 -18.85
OH TYS C 12 1.68 11.60 -19.75
S TYS C 12 1.52 10.06 -19.30
O1 TYS C 12 2.65 9.56 -18.57
O2 TYS C 12 0.19 10.03 -18.74
O3 TYS C 12 1.58 9.42 -20.64
C TYS C 12 3.86 17.66 -15.42
O TYS C 12 3.25 17.58 -14.33
C3 0IT D . 9.00 4.55 15.90
S 0IT D . 10.33 5.04 14.84
C11 0IT D . 7.82 5.46 15.85
C6 0IT D . 7.80 6.71 16.41
C5 0IT D . 6.66 7.53 16.31
C4 0IT D . 5.53 7.08 15.67
C31 0IT D . 5.57 5.82 15.12
C21 0IT D . 6.68 4.99 15.18
O2S 0IT D . 10.63 6.41 15.10
O1S 0IT D . 11.25 3.98 14.87
N 0IT D . 9.80 5.12 13.26
CA 0IT D . 9.01 6.20 12.80
CB 0IT D . 9.70 7.49 12.57
CG 0IT D . 8.85 8.57 11.98
CD 0IT D . 7.72 8.13 11.04
C 0IT D . 8.20 5.73 11.54
O 0IT D . 8.20 4.54 11.31
N1 0IT D . 7.68 6.69 10.82
CA1 0IT D . 6.90 6.23 9.65
C1 0IT D . 7.89 5.73 8.60
O1 0IT D . 9.07 6.06 8.66
N2 0IT D . 7.39 4.87 7.73
CA2 0IT D . 8.21 4.27 6.64
C2 0IT D . 7.91 4.98 5.34
O2 0IT D . 8.17 4.42 4.25
CB1 0IT D . 7.99 2.79 6.51
CG1 0IT D . 8.60 1.99 7.63
CD1 0IT D . 8.22 0.58 7.57
NE 0IT D . 9.04 -0.18 8.48
CZ 0IT D . 8.91 -1.44 8.78
NH1 0IT D . 7.87 -2.13 8.24
NH2 0IT D . 9.83 -2.09 9.51
C1 NAG E . 0.60 22.48 6.37
C2 NAG E . 0.91 23.74 7.21
C3 NAG E . -0.44 24.32 7.64
C4 NAG E . -1.32 24.52 6.42
C5 NAG E . -0.75 24.04 5.09
C6 NAG E . -0.45 25.14 4.09
C7 NAG E . 1.06 22.39 9.19
C8 NAG E . 1.73 22.16 10.52
N2 NAG E . 1.66 23.36 8.42
O3 NAG E . -0.23 25.46 8.49
O4 NAG E . -2.57 23.79 6.69
O5 NAG E . 0.48 23.30 5.21
O6 NAG E . 0.59 24.76 3.21
O7 NAG E . 0.12 21.70 8.78
#